data_7SPQ
#
_entry.id   7SPQ
#
_cell.length_a   135.978
_cell.length_b   135.978
_cell.length_c   135.978
_cell.angle_alpha   90.000
_cell.angle_beta   90.000
_cell.angle_gamma   90.000
#
_symmetry.space_group_name_H-M   'I 2 3'
#
loop_
_entity.id
_entity.type
_entity.pdbx_description
1 polymer 'Serine/threonine kinase ToxD'
2 non-polymer 'CITRIC ACID'
3 non-polymer 'CALCIUM ION'
4 non-polymer 'TETRAETHYLENE GLYCOL'
5 non-polymer 'PENTAETHYLENE GLYCOL'
6 water water
#
_entity_poly.entity_id   1
_entity_poly.type   'polypeptide(L)'
_entity_poly.pdbx_seq_one_letter_code
;GHMTIKLADNPNRLTDREAMGLPETFVARTPVALLAGHEDLLGAGAPCLVEIAEDPAQPFARRHAAGALLGLLGDPRIRP
FEPAMRRIEAARARIGLDPAALGRVLAEWERVGVIEPWIAKECPAHTVELAAYALMRYPVSNLEYRLFLEDTGSTELPSS
WAFGVYPAERSNHPVWSVSAEAADHYARWLAQKTGRAFRLPSEAEWEYAAAGGAAREYPWGDAFDPAAANTVEAGPLSTT
PVGIFPAGRSVFGIDDMGGNVEEYVADDYRAYPGGNAIDDDLAVTQGAYRVARGGSFTRFGDLARCARRHGRYQRDIYAM
GFRLAETL
;
_entity_poly.pdbx_strand_id   A
#
# COMPACT_ATOMS: atom_id res chain seq x y z
N ARG A 13 9.61 7.75 21.73
CA ARG A 13 9.24 8.82 22.66
C ARG A 13 7.90 9.47 22.27
N LEU A 14 7.58 9.47 20.98
CA LEU A 14 6.38 10.14 20.50
C LEU A 14 5.13 9.31 20.74
N THR A 15 4.03 9.99 21.07
CA THR A 15 2.74 9.34 20.99
C THR A 15 2.41 9.04 19.54
N ASP A 16 1.45 8.14 19.34
CA ASP A 16 0.96 7.86 17.99
C ASP A 16 0.56 9.14 17.28
N ARG A 17 -0.23 10.00 17.95
CA ARG A 17 -0.70 11.22 17.29
C ARG A 17 0.45 12.19 17.00
N GLU A 18 1.38 12.35 17.94
CA GLU A 18 2.57 13.15 17.67
C GLU A 18 3.32 12.63 16.45
N ALA A 19 3.45 11.31 16.34
CA ALA A 19 4.19 10.73 15.22
C ALA A 19 3.48 10.99 13.90
N MET A 20 2.17 11.15 13.94
CA MET A 20 1.34 11.42 12.78
C MET A 20 1.19 12.92 12.50
N GLY A 21 1.89 13.76 13.24
CA GLY A 21 1.76 15.19 13.01
C GLY A 21 0.49 15.82 13.53
N LEU A 22 -0.20 15.16 14.47
CA LEU A 22 -1.48 15.62 14.96
C LEU A 22 -1.35 16.16 16.38
N PRO A 23 -2.16 17.14 16.77
CA PRO A 23 -2.11 17.64 18.15
C PRO A 23 -2.88 16.71 19.07
N GLU A 24 -2.91 17.09 20.36
N GLU A 24 -2.92 17.08 20.36
CA GLU A 24 -3.70 16.32 21.32
CA GLU A 24 -3.71 16.30 21.31
C GLU A 24 -5.18 16.58 21.14
C GLU A 24 -5.18 16.66 21.28
N THR A 25 -5.55 17.75 20.63
CA THR A 25 -6.95 18.08 20.38
C THR A 25 -7.44 17.33 19.14
N PHE A 26 -8.77 17.28 19.00
CA PHE A 26 -9.36 16.48 17.94
C PHE A 26 -9.14 17.13 16.58
N VAL A 27 -8.91 16.29 15.57
CA VAL A 27 -8.74 16.72 14.17
C VAL A 27 -9.59 15.81 13.29
N ALA A 28 -10.39 16.41 12.40
CA ALA A 28 -11.14 15.60 11.44
C ALA A 28 -10.80 16.04 10.03
N ARG A 29 -10.70 15.06 9.12
CA ARG A 29 -10.51 15.34 7.71
C ARG A 29 -11.64 14.75 6.88
N THR A 30 -12.74 14.38 7.49
CA THR A 30 -13.92 13.88 6.80
C THR A 30 -15.14 14.62 7.30
N PRO A 31 -16.23 14.62 6.53
CA PRO A 31 -17.51 15.12 7.03
C PRO A 31 -17.98 14.28 8.20
N VAL A 32 -18.95 14.83 8.94
N VAL A 32 -18.95 14.83 8.94
CA VAL A 32 -19.59 14.05 10.02
CA VAL A 32 -19.59 14.05 10.02
C VAL A 32 -20.43 12.92 9.43
C VAL A 32 -20.43 12.92 9.43
N ALA A 33 -20.96 13.10 8.22
CA ALA A 33 -21.74 12.08 7.54
C ALA A 33 -21.26 12.00 6.10
N LEU A 34 -20.69 10.86 5.71
CA LEU A 34 -19.95 10.81 4.45
C LEU A 34 -20.83 11.11 3.24
N LEU A 35 -22.11 10.76 3.27
N LEU A 35 -22.11 10.74 3.28
CA LEU A 35 -22.96 10.95 2.10
CA LEU A 35 -23.00 10.91 2.13
C LEU A 35 -23.89 12.14 2.21
C LEU A 35 -23.81 12.20 2.16
N ALA A 36 -23.74 12.97 3.24
CA ALA A 36 -24.57 14.15 3.35
C ALA A 36 -24.22 15.12 2.22
N GLY A 37 -25.23 15.55 1.48
CA GLY A 37 -25.04 16.33 0.28
C GLY A 37 -24.64 15.55 -0.94
N HIS A 38 -24.47 14.22 -0.82
CA HIS A 38 -24.16 13.34 -1.94
C HIS A 38 -25.26 12.30 -2.13
N GLU A 39 -26.50 12.67 -1.81
CA GLU A 39 -27.59 11.70 -1.85
C GLU A 39 -27.91 11.22 -3.25
N ASP A 40 -27.51 11.96 -4.29
CA ASP A 40 -27.66 11.47 -5.66
C ASP A 40 -26.95 10.15 -5.88
N LEU A 41 -25.94 9.82 -5.06
CA LEU A 41 -25.24 8.55 -5.20
C LEU A 41 -26.14 7.36 -4.90
N LEU A 42 -27.22 7.55 -4.13
CA LEU A 42 -28.09 6.41 -3.80
C LEU A 42 -28.72 5.82 -5.04
N GLY A 43 -28.99 6.64 -6.05
CA GLY A 43 -29.61 6.19 -7.28
C GLY A 43 -28.66 5.93 -8.42
N ALA A 44 -27.35 5.96 -8.17
CA ALA A 44 -26.39 5.89 -9.26
C ALA A 44 -26.25 4.48 -9.83
N GLY A 45 -26.36 3.48 -8.99
CA GLY A 45 -26.02 2.14 -9.45
C GLY A 45 -24.54 1.87 -9.29
N ALA A 46 -24.21 0.61 -9.02
CA ALA A 46 -22.83 0.26 -8.73
C ALA A 46 -21.85 0.59 -9.85
N PRO A 47 -22.15 0.34 -11.14
CA PRO A 47 -21.17 0.74 -12.17
C PRO A 47 -20.86 2.22 -12.16
N CYS A 48 -21.88 3.05 -11.94
N CYS A 48 -21.87 3.05 -11.93
CA CYS A 48 -21.63 4.48 -11.87
CA CYS A 48 -21.61 4.49 -11.88
C CYS A 48 -20.85 4.86 -10.62
C CYS A 48 -20.86 4.86 -10.61
N LEU A 49 -21.14 4.20 -9.49
CA LEU A 49 -20.39 4.44 -8.27
C LEU A 49 -18.91 4.10 -8.47
N VAL A 50 -18.66 3.01 -9.19
CA VAL A 50 -17.28 2.63 -9.45
C VAL A 50 -16.57 3.70 -10.30
N GLU A 51 -17.25 4.20 -11.34
N GLU A 51 -17.27 4.21 -11.31
CA GLU A 51 -16.64 5.25 -12.15
CA GLU A 51 -16.69 5.25 -12.17
C GLU A 51 -16.34 6.48 -11.30
C GLU A 51 -16.40 6.52 -11.38
N ILE A 52 -17.29 6.89 -10.44
CA ILE A 52 -17.06 8.06 -9.61
C ILE A 52 -15.88 7.86 -8.66
N ALA A 53 -15.82 6.69 -8.02
CA ALA A 53 -14.79 6.43 -7.02
C ALA A 53 -13.39 6.49 -7.62
N GLU A 54 -13.25 6.17 -8.90
CA GLU A 54 -11.95 6.08 -9.55
C GLU A 54 -11.69 7.23 -10.52
N ASP A 55 -12.47 8.30 -10.45
CA ASP A 55 -12.34 9.42 -11.37
C ASP A 55 -11.49 10.50 -10.69
N PRO A 56 -10.27 10.78 -11.15
CA PRO A 56 -9.42 11.74 -10.43
C PRO A 56 -9.98 13.17 -10.42
N ALA A 57 -10.93 13.48 -11.31
CA ALA A 57 -11.50 14.82 -11.33
C ALA A 57 -12.59 15.01 -10.31
N GLN A 58 -13.08 13.94 -9.72
CA GLN A 58 -14.11 14.05 -8.69
C GLN A 58 -13.45 14.42 -7.36
N PRO A 59 -14.03 15.32 -6.58
CA PRO A 59 -13.43 15.67 -5.28
C PRO A 59 -13.35 14.44 -4.39
N PHE A 60 -12.32 14.40 -3.54
CA PHE A 60 -12.12 13.24 -2.70
C PHE A 60 -13.37 12.87 -1.90
N ALA A 61 -14.09 13.87 -1.36
CA ALA A 61 -15.24 13.53 -0.52
C ALA A 61 -16.29 12.77 -1.31
N ARG A 62 -16.47 13.10 -2.59
CA ARG A 62 -17.44 12.37 -3.40
C ARG A 62 -16.93 10.97 -3.76
N ARG A 63 -15.61 10.84 -4.04
CA ARG A 63 -15.07 9.50 -4.28
C ARG A 63 -15.16 8.63 -3.03
N HIS A 64 -14.88 9.23 -1.87
CA HIS A 64 -14.96 8.50 -0.62
C HIS A 64 -16.40 8.09 -0.34
N ALA A 65 -17.34 8.99 -0.61
CA ALA A 65 -18.76 8.65 -0.44
C ALA A 65 -19.16 7.50 -1.34
N ALA A 66 -18.77 7.55 -2.61
CA ALA A 66 -19.06 6.45 -3.52
C ALA A 66 -18.42 5.15 -3.05
N GLY A 67 -17.14 5.21 -2.64
CA GLY A 67 -16.48 4.00 -2.14
C GLY A 67 -17.13 3.45 -0.89
N ALA A 68 -17.59 4.34 0.01
CA ALA A 68 -18.24 3.88 1.24
C ALA A 68 -19.56 3.19 0.93
N LEU A 69 -20.33 3.73 -0.01
CA LEU A 69 -21.57 3.09 -0.40
C LEU A 69 -21.31 1.74 -1.06
N LEU A 70 -20.27 1.65 -1.89
CA LEU A 70 -19.87 0.36 -2.44
C LEU A 70 -19.48 -0.63 -1.34
N GLY A 71 -18.85 -0.12 -0.28
CA GLY A 71 -18.48 -0.99 0.83
C GLY A 71 -19.69 -1.61 1.51
N LEU A 72 -20.79 -0.86 1.58
CA LEU A 72 -22.03 -1.42 2.10
C LEU A 72 -22.67 -2.39 1.12
N LEU A 73 -22.69 -2.04 -0.17
CA LEU A 73 -23.39 -2.84 -1.19
C LEU A 73 -22.67 -4.14 -1.50
N GLY A 74 -21.35 -4.15 -1.38
CA GLY A 74 -20.55 -5.21 -1.97
C GLY A 74 -19.88 -4.67 -3.22
N ASP A 75 -18.61 -4.37 -3.13
CA ASP A 75 -17.88 -3.65 -4.17
C ASP A 75 -17.56 -4.59 -5.33
N PRO A 76 -18.13 -4.38 -6.53
CA PRO A 76 -17.91 -5.32 -7.62
C PRO A 76 -16.49 -5.29 -8.16
N ARG A 77 -15.69 -4.28 -7.81
CA ARG A 77 -14.29 -4.26 -8.24
C ARG A 77 -13.47 -5.34 -7.57
N ILE A 78 -13.91 -5.82 -6.41
CA ILE A 78 -13.18 -6.80 -5.64
C ILE A 78 -13.80 -8.16 -5.93
N ARG A 79 -13.07 -8.98 -6.69
N ARG A 79 -13.08 -8.96 -6.72
CA ARG A 79 -13.50 -10.32 -7.04
CA ARG A 79 -13.45 -10.33 -7.06
C ARG A 79 -12.50 -11.29 -6.42
C ARG A 79 -12.45 -11.24 -6.38
N PRO A 80 -12.79 -11.82 -5.23
CA PRO A 80 -11.75 -12.56 -4.46
C PRO A 80 -11.08 -13.69 -5.23
N PHE A 81 -11.82 -14.41 -6.07
CA PHE A 81 -11.25 -15.57 -6.76
C PHE A 81 -10.83 -15.25 -8.20
N GLU A 82 -11.13 -14.05 -8.69
N GLU A 82 -11.11 -14.04 -8.68
CA GLU A 82 -10.54 -13.55 -9.95
CA GLU A 82 -10.57 -13.54 -9.94
C GLU A 82 -10.13 -12.10 -9.74
C GLU A 82 -10.13 -12.09 -9.75
N PRO A 83 -9.16 -11.85 -8.86
CA PRO A 83 -8.83 -10.46 -8.50
C PRO A 83 -8.35 -9.70 -9.72
N ALA A 84 -8.66 -8.41 -9.76
CA ALA A 84 -8.16 -7.58 -10.85
C ALA A 84 -6.63 -7.58 -10.87
N MET A 85 -6.05 -7.96 -12.00
CA MET A 85 -4.60 -8.04 -12.15
C MET A 85 -4.16 -7.13 -13.29
N ARG A 86 -2.91 -6.70 -13.22
N ARG A 86 -2.90 -6.71 -13.24
CA ARG A 86 -2.26 -5.98 -14.31
CA ARG A 86 -2.26 -5.98 -14.32
C ARG A 86 -1.03 -6.76 -14.74
C ARG A 86 -1.01 -6.72 -14.75
N ARG A 87 -0.89 -6.98 -16.04
CA ARG A 87 0.24 -7.71 -16.57
C ARG A 87 1.44 -6.79 -16.74
N ILE A 88 2.62 -7.30 -16.39
CA ILE A 88 3.87 -6.56 -16.51
C ILE A 88 4.86 -7.44 -17.27
N GLU A 89 5.33 -6.96 -18.41
CA GLU A 89 6.20 -7.75 -19.27
C GLU A 89 7.59 -7.89 -18.64
N ALA A 90 8.29 -8.96 -19.02
CA ALA A 90 9.66 -9.17 -18.58
C ALA A 90 10.50 -7.94 -18.85
N ALA A 91 11.40 -7.62 -17.92
CA ALA A 91 12.17 -6.40 -18.05
C ALA A 91 13.44 -6.50 -17.23
N ARG A 92 14.40 -5.66 -17.60
CA ARG A 92 15.61 -5.45 -16.84
C ARG A 92 15.35 -4.25 -15.94
N ALA A 93 14.93 -4.50 -14.71
CA ALA A 93 14.50 -3.43 -13.82
C ALA A 93 15.69 -2.80 -13.11
N ARG A 94 15.59 -1.48 -12.89
N ARG A 94 15.61 -1.48 -12.92
CA ARG A 94 16.58 -0.74 -12.11
CA ARG A 94 16.56 -0.74 -12.10
C ARG A 94 15.99 -0.47 -10.73
C ARG A 94 15.93 -0.55 -10.74
N ILE A 95 16.60 -1.04 -9.70
CA ILE A 95 16.07 -1.06 -8.35
C ILE A 95 16.99 -0.26 -7.43
N GLY A 96 16.40 0.56 -6.57
CA GLY A 96 17.17 1.25 -5.55
C GLY A 96 17.53 2.69 -5.90
N LEU A 97 18.52 3.21 -5.18
CA LEU A 97 18.84 4.62 -5.19
C LEU A 97 20.31 4.85 -5.54
N ASP A 98 20.54 5.75 -6.48
CA ASP A 98 21.91 6.19 -6.77
C ASP A 98 22.47 6.93 -5.56
N PRO A 99 23.67 6.56 -5.08
CA PRO A 99 24.26 7.29 -3.94
C PRO A 99 24.32 8.79 -4.13
N ALA A 100 24.46 9.26 -5.36
CA ALA A 100 24.52 10.70 -5.61
C ALA A 100 23.18 11.39 -5.39
N ALA A 101 22.08 10.64 -5.30
CA ALA A 101 20.76 11.21 -5.09
C ALA A 101 20.30 11.15 -3.65
N LEU A 102 21.14 10.65 -2.73
CA LEU A 102 20.73 10.55 -1.34
C LEU A 102 20.51 11.93 -0.72
N GLY A 103 21.42 12.87 -1.00
CA GLY A 103 21.28 14.20 -0.43
C GLY A 103 19.95 14.85 -0.78
N ARG A 104 19.49 14.67 -2.02
CA ARG A 104 18.21 15.23 -2.43
C ARG A 104 17.04 14.60 -1.66
N VAL A 105 17.07 13.29 -1.43
CA VAL A 105 16.00 12.67 -0.65
C VAL A 105 15.99 13.23 0.77
N LEU A 106 17.18 13.39 1.38
CA LEU A 106 17.26 13.86 2.75
C LEU A 106 16.76 15.29 2.89
N ALA A 107 17.16 16.17 1.96
CA ALA A 107 16.63 17.53 2.00
C ALA A 107 15.12 17.52 1.82
N GLU A 108 14.61 16.59 1.01
CA GLU A 108 13.19 16.52 0.74
C GLU A 108 12.41 16.10 1.97
N TRP A 109 12.96 15.19 2.79
CA TRP A 109 12.16 14.54 3.82
C TRP A 109 12.72 14.64 5.23
N GLU A 110 13.78 15.43 5.47
CA GLU A 110 14.31 15.49 6.83
C GLU A 110 13.32 16.11 7.81
N ARG A 111 12.40 16.93 7.32
N ARG A 111 12.38 16.92 7.33
CA ARG A 111 11.43 17.58 8.19
CA ARG A 111 11.45 17.59 8.23
C ARG A 111 10.54 16.59 8.93
C ARG A 111 10.40 16.65 8.83
N VAL A 112 10.30 15.41 8.35
CA VAL A 112 9.44 14.41 8.99
C VAL A 112 10.24 13.39 9.80
N GLY A 113 11.56 13.57 9.93
CA GLY A 113 12.37 12.72 10.79
C GLY A 113 13.31 11.78 10.08
N VAL A 114 13.26 11.72 8.74
CA VAL A 114 14.15 10.83 7.99
C VAL A 114 15.60 11.23 8.18
N ILE A 115 16.46 10.24 8.43
CA ILE A 115 17.88 10.47 8.57
C ILE A 115 18.62 9.58 7.56
N GLU A 116 19.90 9.91 7.33
CA GLU A 116 20.68 9.32 6.25
C GLU A 116 20.69 7.80 6.23
N PRO A 117 20.91 7.08 7.34
CA PRO A 117 20.96 5.61 7.25
C PRO A 117 19.68 4.98 6.75
N TRP A 118 18.51 5.59 7.02
CA TRP A 118 17.25 4.99 6.57
C TRP A 118 17.15 4.97 5.05
N ILE A 119 17.82 5.91 4.38
CA ILE A 119 17.74 6.04 2.93
C ILE A 119 18.95 5.35 2.32
N ALA A 120 20.06 5.32 3.06
CA ALA A 120 21.28 4.72 2.54
C ALA A 120 21.13 3.24 2.25
N LYS A 121 20.20 2.55 2.92
CA LYS A 121 19.98 1.13 2.64
C LYS A 121 19.27 0.88 1.32
N GLU A 122 18.87 1.94 0.61
CA GLU A 122 18.37 1.82 -0.75
C GLU A 122 19.50 1.78 -1.78
N CYS A 123 20.73 2.03 -1.38
CA CYS A 123 21.86 2.09 -2.29
C CYS A 123 22.59 0.76 -2.35
N PRO A 124 23.17 0.39 -3.49
CA PRO A 124 23.19 1.18 -4.73
C PRO A 124 22.02 0.83 -5.64
N ALA A 125 21.72 1.70 -6.60
CA ALA A 125 20.81 1.31 -7.66
C ALA A 125 21.45 0.17 -8.45
N HIS A 126 20.68 -0.88 -8.73
CA HIS A 126 21.23 -2.07 -9.35
C HIS A 126 20.19 -2.66 -10.28
N THR A 127 20.62 -3.63 -11.08
CA THR A 127 19.76 -4.24 -12.09
C THR A 127 19.23 -5.58 -11.61
N VAL A 128 17.93 -5.80 -11.78
CA VAL A 128 17.29 -7.08 -11.51
C VAL A 128 16.52 -7.53 -12.75
N GLU A 129 16.83 -8.72 -13.24
CA GLU A 129 16.08 -9.30 -14.36
C GLU A 129 14.76 -9.85 -13.83
N LEU A 130 13.65 -9.39 -14.40
CA LEU A 130 12.32 -9.85 -14.01
C LEU A 130 11.67 -10.58 -15.18
N ALA A 131 11.17 -11.78 -14.93
CA ALA A 131 10.32 -12.44 -15.91
C ALA A 131 8.93 -11.82 -15.85
N ALA A 132 8.12 -12.11 -16.86
CA ALA A 132 6.78 -11.54 -16.90
C ALA A 132 5.98 -11.98 -15.69
N TYR A 133 5.18 -11.06 -15.14
CA TYR A 133 4.39 -11.32 -13.96
C TYR A 133 3.19 -10.40 -13.96
N ALA A 134 2.21 -10.75 -13.15
CA ALA A 134 1.04 -9.91 -12.94
C ALA A 134 0.97 -9.52 -11.47
N LEU A 135 0.35 -8.37 -11.21
CA LEU A 135 0.23 -7.87 -9.85
C LEU A 135 -1.19 -7.40 -9.64
N MET A 136 -1.75 -7.66 -8.46
CA MET A 136 -3.09 -7.19 -8.13
C MET A 136 -3.20 -5.68 -8.27
N ARG A 137 -4.29 -5.23 -8.89
CA ARG A 137 -4.50 -3.79 -9.05
C ARG A 137 -4.73 -3.11 -7.71
N TYR A 138 -5.34 -3.81 -6.75
CA TYR A 138 -5.68 -3.30 -5.43
C TYR A 138 -5.01 -4.13 -4.35
N PRO A 139 -4.76 -3.56 -3.18
CA PRO A 139 -4.33 -4.37 -2.04
C PRO A 139 -5.46 -5.30 -1.60
N VAL A 140 -5.07 -6.39 -0.93
CA VAL A 140 -6.06 -7.37 -0.46
C VAL A 140 -6.96 -6.71 0.59
N SER A 141 -8.28 -6.89 0.43
CA SER A 141 -9.29 -6.20 1.21
C SER A 141 -9.69 -6.96 2.47
N ASN A 142 -10.40 -6.25 3.35
CA ASN A 142 -11.01 -6.89 4.52
C ASN A 142 -11.92 -8.03 4.12
N LEU A 143 -12.75 -7.80 3.10
CA LEU A 143 -13.68 -8.85 2.68
C LEU A 143 -12.92 -10.08 2.16
N GLU A 144 -11.91 -9.86 1.32
CA GLU A 144 -11.11 -10.99 0.83
C GLU A 144 -10.46 -11.74 1.99
N TYR A 145 -9.87 -11.00 2.94
CA TYR A 145 -9.19 -11.66 4.05
C TYR A 145 -10.17 -12.46 4.91
N ARG A 146 -11.39 -11.94 5.08
CA ARG A 146 -12.39 -12.71 5.83
C ARG A 146 -12.72 -14.05 5.15
N LEU A 147 -12.89 -14.05 3.82
CA LEU A 147 -13.17 -15.31 3.14
C LEU A 147 -12.04 -16.31 3.36
N PHE A 148 -10.79 -15.82 3.33
CA PHE A 148 -9.63 -16.64 3.65
C PHE A 148 -9.74 -17.23 5.05
N LEU A 149 -10.03 -16.39 6.03
CA LEU A 149 -10.14 -16.87 7.41
C LEU A 149 -11.24 -17.92 7.56
N GLU A 150 -12.38 -17.69 6.91
CA GLU A 150 -13.50 -18.62 7.08
C GLU A 150 -13.24 -19.96 6.38
N ASP A 151 -12.47 -19.95 5.29
CA ASP A 151 -12.21 -21.20 4.58
C ASP A 151 -11.08 -22.01 5.21
N THR A 152 -10.09 -21.37 5.83
CA THR A 152 -8.91 -22.06 6.32
C THR A 152 -8.96 -22.37 7.80
N GLY A 153 -9.79 -21.68 8.57
CA GLY A 153 -9.69 -21.80 10.01
C GLY A 153 -8.45 -21.16 10.61
N SER A 154 -7.79 -20.28 9.87
CA SER A 154 -6.62 -19.58 10.37
C SER A 154 -6.96 -18.71 11.57
N THR A 155 -6.05 -18.62 12.54
CA THR A 155 -6.18 -17.72 13.69
C THR A 155 -5.42 -16.41 13.50
N GLU A 156 -4.96 -16.12 12.29
CA GLU A 156 -4.15 -14.94 11.97
C GLU A 156 -5.06 -13.71 11.76
N LEU A 157 -5.66 -13.24 12.89
CA LEU A 157 -6.68 -12.20 12.79
C LEU A 157 -6.03 -10.82 12.68
N PRO A 158 -6.57 -9.93 11.84
CA PRO A 158 -5.95 -8.60 11.64
C PRO A 158 -6.00 -7.74 12.90
N SER A 159 -4.94 -6.96 13.11
CA SER A 159 -4.85 -6.18 14.34
C SER A 159 -5.89 -5.07 14.40
N SER A 160 -6.29 -4.51 13.25
CA SER A 160 -7.25 -3.42 13.26
C SER A 160 -8.68 -3.89 13.47
N TRP A 161 -8.95 -5.20 13.39
CA TRP A 161 -10.26 -5.74 13.66
C TRP A 161 -10.44 -5.81 15.18
N ALA A 162 -11.26 -4.93 15.73
CA ALA A 162 -11.39 -4.83 17.18
C ALA A 162 -11.91 -6.15 17.74
N PHE A 163 -11.15 -6.75 18.66
CA PHE A 163 -11.47 -8.07 19.21
C PHE A 163 -11.52 -9.16 18.14
N GLY A 164 -10.87 -8.93 17.00
CA GLY A 164 -10.85 -9.91 15.92
C GLY A 164 -12.08 -9.91 15.05
N VAL A 165 -12.93 -8.87 15.15
CA VAL A 165 -14.24 -8.82 14.51
C VAL A 165 -14.13 -8.09 13.17
N TYR A 166 -14.73 -8.66 12.14
CA TYR A 166 -14.73 -8.07 10.81
C TYR A 166 -15.45 -6.72 10.79
N PRO A 167 -14.79 -5.64 10.25
CA PRO A 167 -15.46 -4.33 10.13
C PRO A 167 -16.25 -4.19 8.84
N ALA A 168 -17.53 -4.54 8.88
CA ALA A 168 -18.26 -4.77 7.63
C ALA A 168 -18.41 -3.50 6.80
N GLU A 169 -18.53 -2.32 7.46
CA GLU A 169 -18.66 -1.09 6.67
C GLU A 169 -17.40 -0.79 5.86
N ARG A 170 -16.28 -1.40 6.21
CA ARG A 170 -15.01 -1.23 5.52
C ARG A 170 -14.62 -2.48 4.75
N SER A 171 -15.62 -3.18 4.20
CA SER A 171 -15.38 -4.41 3.46
C SER A 171 -14.36 -4.23 2.34
N ASN A 172 -14.36 -3.06 1.70
CA ASN A 172 -13.54 -2.83 0.52
C ASN A 172 -12.31 -1.97 0.82
N HIS A 173 -11.94 -1.81 2.10
CA HIS A 173 -10.66 -1.26 2.51
C HIS A 173 -9.60 -2.35 2.58
N PRO A 174 -8.32 -2.00 2.49
CA PRO A 174 -7.26 -3.00 2.68
C PRO A 174 -7.21 -3.52 4.11
N VAL A 175 -6.90 -4.83 4.25
CA VAL A 175 -6.77 -5.45 5.56
C VAL A 175 -5.42 -5.06 6.18
N TRP A 176 -5.40 -4.88 7.51
CA TRP A 176 -4.19 -4.57 8.28
C TRP A 176 -4.50 -4.73 9.76
N SER A 177 -3.45 -4.89 10.58
CA SER A 177 -2.13 -5.39 10.19
C SER A 177 -2.17 -6.90 10.30
N VAL A 178 -1.53 -7.57 9.35
CA VAL A 178 -1.31 -9.00 9.44
C VAL A 178 0.19 -9.26 9.39
N SER A 179 0.61 -10.45 9.79
CA SER A 179 2.01 -10.80 9.67
C SER A 179 2.35 -11.12 8.23
N ALA A 180 3.65 -11.08 7.91
CA ALA A 180 4.08 -11.45 6.58
C ALA A 180 3.72 -12.90 6.27
N GLU A 181 3.79 -13.76 7.29
CA GLU A 181 3.48 -15.17 7.05
C GLU A 181 1.98 -15.38 6.86
N ALA A 182 1.14 -14.53 7.44
CA ALA A 182 -0.29 -14.58 7.13
C ALA A 182 -0.54 -14.13 5.68
N ALA A 183 0.19 -13.11 5.21
CA ALA A 183 0.10 -12.74 3.80
C ALA A 183 0.53 -13.91 2.91
N ASP A 184 1.65 -14.58 3.26
CA ASP A 184 2.09 -15.78 2.55
C ASP A 184 0.98 -16.82 2.50
N HIS A 185 0.32 -17.02 3.63
CA HIS A 185 -0.73 -18.03 3.76
C HIS A 185 -1.91 -17.70 2.85
N TYR A 186 -2.34 -16.43 2.84
CA TYR A 186 -3.40 -16.00 1.93
C TYR A 186 -3.04 -16.35 0.49
N ALA A 187 -1.82 -16.03 0.07
CA ALA A 187 -1.40 -16.32 -1.29
C ALA A 187 -1.45 -17.81 -1.61
N ARG A 188 -0.97 -18.66 -0.68
CA ARG A 188 -1.01 -20.11 -0.94
C ARG A 188 -2.45 -20.61 -1.02
N TRP A 189 -3.32 -20.07 -0.16
CA TRP A 189 -4.72 -20.47 -0.17
C TRP A 189 -5.37 -20.13 -1.52
N LEU A 190 -5.17 -18.90 -1.99
CA LEU A 190 -5.79 -18.50 -3.25
C LEU A 190 -5.20 -19.27 -4.41
N ALA A 191 -3.88 -19.52 -4.37
CA ALA A 191 -3.26 -20.35 -5.41
C ALA A 191 -3.91 -21.73 -5.48
N GLN A 192 -4.11 -22.36 -4.32
CA GLN A 192 -4.75 -23.67 -4.29
C GLN A 192 -6.20 -23.60 -4.74
N LYS A 193 -6.91 -22.54 -4.34
CA LYS A 193 -8.31 -22.38 -4.71
C LYS A 193 -8.48 -22.23 -6.21
N THR A 194 -7.60 -21.46 -6.85
CA THR A 194 -7.79 -21.03 -8.23
C THR A 194 -6.96 -21.80 -9.23
N GLY A 195 -5.96 -22.55 -8.77
CA GLY A 195 -5.02 -23.21 -9.66
C GLY A 195 -4.03 -22.29 -10.32
N ARG A 196 -3.90 -21.06 -9.84
CA ARG A 196 -3.04 -20.04 -10.42
C ARG A 196 -1.85 -19.79 -9.51
N ALA A 197 -0.74 -19.33 -10.10
CA ALA A 197 0.53 -19.19 -9.38
C ALA A 197 0.59 -17.89 -8.58
N PHE A 198 -0.33 -17.74 -7.63
CA PHE A 198 -0.33 -16.57 -6.76
C PHE A 198 0.74 -16.70 -5.68
N ARG A 199 1.28 -15.56 -5.27
CA ARG A 199 2.42 -15.47 -4.37
C ARG A 199 2.55 -14.00 -4.00
N LEU A 200 3.43 -13.71 -3.02
CA LEU A 200 3.73 -12.29 -2.85
C LEU A 200 4.74 -11.84 -3.91
N PRO A 201 4.72 -10.57 -4.29
CA PRO A 201 5.76 -10.07 -5.20
C PRO A 201 7.11 -10.04 -4.49
N SER A 202 8.17 -10.27 -5.26
CA SER A 202 9.50 -9.97 -4.74
C SER A 202 9.62 -8.46 -4.50
N GLU A 203 10.62 -8.07 -3.70
CA GLU A 203 10.83 -6.64 -3.50
C GLU A 203 11.10 -5.93 -4.82
N ALA A 204 11.88 -6.56 -5.71
CA ALA A 204 12.14 -5.96 -7.01
C ALA A 204 10.88 -5.88 -7.86
N GLU A 205 10.04 -6.91 -7.83
CA GLU A 205 8.77 -6.87 -8.57
C GLU A 205 7.88 -5.75 -8.06
N TRP A 206 7.85 -5.54 -6.75
CA TRP A 206 7.02 -4.47 -6.20
C TRP A 206 7.52 -3.11 -6.64
N GLU A 207 8.82 -2.84 -6.45
CA GLU A 207 9.36 -1.52 -6.79
C GLU A 207 9.23 -1.24 -8.28
N TYR A 208 9.51 -2.22 -9.13
CA TYR A 208 9.39 -2.00 -10.58
C TYR A 208 7.94 -1.72 -10.98
N ALA A 209 6.99 -2.42 -10.36
CA ALA A 209 5.58 -2.17 -10.66
C ALA A 209 5.16 -0.76 -10.24
N ALA A 210 5.78 -0.21 -9.20
CA ALA A 210 5.48 1.15 -8.78
C ALA A 210 6.18 2.18 -9.64
N ALA A 211 7.46 1.95 -9.94
CA ALA A 211 8.31 2.98 -10.54
C ALA A 211 8.40 2.91 -12.06
N GLY A 212 8.23 1.72 -12.66
CA GLY A 212 8.38 1.55 -14.08
C GLY A 212 9.82 1.56 -14.54
N GLY A 213 10.01 1.41 -15.85
CA GLY A 213 11.33 1.51 -16.42
C GLY A 213 11.94 2.90 -16.33
N ALA A 214 11.10 3.91 -16.16
CA ALA A 214 11.59 5.27 -15.94
C ALA A 214 12.10 5.50 -14.52
N ALA A 215 11.87 4.56 -13.61
CA ALA A 215 12.34 4.67 -12.24
C ALA A 215 11.88 5.97 -11.58
N ARG A 216 10.58 6.25 -11.71
CA ARG A 216 9.99 7.42 -11.08
C ARG A 216 10.20 7.38 -9.57
N GLU A 217 10.36 8.56 -8.97
CA GLU A 217 10.52 8.61 -7.52
C GLU A 217 9.26 8.14 -6.80
N TYR A 218 8.09 8.52 -7.30
CA TYR A 218 6.79 8.08 -6.82
C TYR A 218 6.05 7.39 -7.96
N PRO A 219 5.01 6.59 -7.66
CA PRO A 219 4.27 5.97 -8.75
C PRO A 219 3.74 6.96 -9.76
N TRP A 220 3.43 8.18 -9.33
CA TRP A 220 2.83 9.18 -10.20
C TRP A 220 3.82 10.16 -10.81
N GLY A 221 5.08 10.11 -10.43
CA GLY A 221 6.02 11.06 -11.02
C GLY A 221 7.14 11.40 -10.05
N ASP A 222 7.73 12.58 -10.25
N ASP A 222 7.70 12.59 -10.25
CA ASP A 222 8.96 12.92 -9.57
CA ASP A 222 8.95 13.00 -9.62
C ASP A 222 8.76 13.69 -8.27
C ASP A 222 8.79 13.82 -8.36
N ALA A 223 7.58 14.26 -8.01
CA ALA A 223 7.35 15.09 -6.85
C ALA A 223 6.19 14.57 -6.03
N PHE A 224 6.32 14.66 -4.71
CA PHE A 224 5.24 14.18 -3.85
C PHE A 224 3.98 15.01 -4.05
N ASP A 225 2.84 14.35 -4.03
CA ASP A 225 1.54 14.95 -4.24
C ASP A 225 0.59 14.40 -3.19
N PRO A 226 0.23 15.18 -2.18
CA PRO A 226 -0.60 14.64 -1.09
C PRO A 226 -1.98 14.21 -1.53
N ALA A 227 -2.43 14.60 -2.73
CA ALA A 227 -3.71 14.15 -3.24
C ALA A 227 -3.62 12.88 -4.07
N ALA A 228 -2.41 12.37 -4.33
CA ALA A 228 -2.27 11.18 -5.16
C ALA A 228 -2.29 9.89 -4.36
N ALA A 229 -2.27 9.98 -3.04
CA ALA A 229 -2.23 8.76 -2.23
C ALA A 229 -2.77 9.07 -0.85
N ASN A 230 -3.23 8.02 -0.16
CA ASN A 230 -3.71 8.16 1.20
C ASN A 230 -2.49 8.10 2.13
N THR A 231 -1.90 9.26 2.41
CA THR A 231 -0.83 9.38 3.39
C THR A 231 -1.28 10.39 4.45
N VAL A 232 -0.48 10.51 5.52
CA VAL A 232 -0.94 11.26 6.69
C VAL A 232 -0.93 12.78 6.49
N GLU A 233 -0.26 13.29 5.45
CA GLU A 233 -0.21 14.73 5.23
C GLU A 233 -1.61 15.32 5.08
N ALA A 234 -2.43 14.70 4.24
CA ALA A 234 -3.77 15.22 3.95
C ALA A 234 -4.82 14.13 3.81
N GLY A 235 -4.48 12.87 4.01
CA GLY A 235 -5.44 11.79 3.94
C GLY A 235 -6.44 11.86 5.08
N PRO A 236 -7.45 10.99 5.03
CA PRO A 236 -8.54 11.06 6.01
C PRO A 236 -8.23 10.46 7.37
N LEU A 237 -7.00 9.96 7.57
CA LEU A 237 -6.51 9.42 8.84
C LEU A 237 -7.11 8.06 9.18
N SER A 238 -7.67 7.38 8.16
CA SER A 238 -8.00 5.96 8.22
C SER A 238 -7.65 5.37 6.86
N THR A 239 -7.76 4.05 6.74
CA THR A 239 -7.72 3.47 5.40
C THR A 239 -8.86 4.04 4.56
N THR A 240 -8.75 3.87 3.25
CA THR A 240 -9.81 4.24 2.32
C THR A 240 -10.21 3.02 1.51
N PRO A 241 -11.43 3.00 0.97
CA PRO A 241 -11.79 2.01 -0.05
C PRO A 241 -10.69 1.92 -1.11
N VAL A 242 -10.37 0.69 -1.55
CA VAL A 242 -9.27 0.56 -2.50
C VAL A 242 -9.55 1.39 -3.74
N GLY A 243 -8.48 1.96 -4.31
CA GLY A 243 -8.58 2.56 -5.63
C GLY A 243 -9.20 3.94 -5.70
N ILE A 244 -9.39 4.65 -4.59
CA ILE A 244 -10.01 5.98 -4.67
C ILE A 244 -8.98 7.09 -4.61
N PHE A 245 -7.72 6.78 -4.92
CA PHE A 245 -6.70 7.78 -5.21
C PHE A 245 -6.15 7.51 -6.60
N PRO A 246 -7.00 7.66 -7.63
CA PRO A 246 -6.57 7.31 -9.00
C PRO A 246 -5.44 8.16 -9.53
N ALA A 247 -5.26 9.37 -9.02
CA ALA A 247 -4.13 10.18 -9.49
C ALA A 247 -2.78 9.57 -9.15
N GLY A 248 -2.74 8.60 -8.23
CA GLY A 248 -1.52 7.94 -7.85
C GLY A 248 -1.29 6.59 -8.49
N ARG A 249 -2.07 6.23 -9.52
CA ARG A 249 -1.92 4.94 -10.18
C ARG A 249 -0.56 4.84 -10.86
N SER A 250 0.05 3.66 -10.82
CA SER A 250 1.37 3.51 -11.43
C SER A 250 1.24 3.36 -12.94
N VAL A 251 2.38 3.43 -13.63
CA VAL A 251 2.39 3.34 -15.08
C VAL A 251 1.80 2.02 -15.57
N PHE A 252 1.81 0.99 -14.73
CA PHE A 252 1.24 -0.30 -15.11
C PHE A 252 -0.22 -0.45 -14.70
N GLY A 253 -0.82 0.60 -14.15
CA GLY A 253 -2.23 0.56 -13.78
C GLY A 253 -2.50 0.04 -12.39
N ILE A 254 -1.51 -0.02 -11.52
CA ILE A 254 -1.68 -0.53 -10.15
C ILE A 254 -2.11 0.63 -9.26
N ASP A 255 -3.12 0.41 -8.41
CA ASP A 255 -3.65 1.45 -7.53
C ASP A 255 -3.14 1.28 -6.10
N ASP A 256 -3.03 2.41 -5.39
CA ASP A 256 -2.75 2.44 -3.95
C ASP A 256 -1.35 1.92 -3.62
N MET A 257 -0.39 1.97 -4.55
CA MET A 257 0.95 1.54 -4.18
C MET A 257 1.58 2.53 -3.20
N GLY A 258 1.42 3.83 -3.43
CA GLY A 258 1.70 4.80 -2.39
C GLY A 258 0.49 4.89 -1.47
N GLY A 259 0.72 4.78 -0.17
CA GLY A 259 -0.34 5.09 0.77
C GLY A 259 -1.35 3.97 0.98
N ASN A 260 -2.33 4.28 1.82
CA ASN A 260 -3.36 3.38 2.30
C ASN A 260 -2.74 2.43 3.32
N VAL A 261 -2.15 1.30 2.90
CA VAL A 261 -1.42 0.45 3.85
C VAL A 261 -0.05 0.06 3.30
N GLU A 262 0.89 -0.20 4.20
CA GLU A 262 2.17 -0.75 3.78
C GLU A 262 1.94 -2.16 3.24
N GLU A 263 2.86 -2.65 2.39
CA GLU A 263 2.64 -3.92 1.70
C GLU A 263 3.85 -4.82 1.80
N TYR A 264 3.64 -6.05 2.29
CA TYR A 264 4.73 -7.00 2.40
C TYR A 264 5.16 -7.51 1.03
N VAL A 265 6.45 -7.80 0.92
CA VAL A 265 6.95 -8.50 -0.26
C VAL A 265 7.50 -9.85 0.19
N ALA A 266 8.02 -10.61 -0.75
CA ALA A 266 8.48 -11.95 -0.41
C ALA A 266 9.83 -11.96 0.29
N ASP A 267 10.58 -10.86 0.22
N ASP A 267 10.59 -10.88 0.23
CA ASP A 267 11.96 -10.80 0.68
CA ASP A 267 11.97 -10.88 0.66
C ASP A 267 12.05 -10.42 2.15
C ASP A 267 12.12 -10.40 2.09
N ASP A 268 12.85 -11.15 2.90
CA ASP A 268 13.29 -10.65 4.19
C ASP A 268 14.33 -9.56 3.96
N TYR A 269 14.53 -8.71 4.96
CA TYR A 269 15.47 -7.60 4.80
C TYR A 269 16.89 -8.12 4.57
N ARG A 270 17.52 -7.60 3.51
CA ARG A 270 18.93 -7.77 3.25
C ARG A 270 19.48 -6.47 2.70
N ALA A 271 20.73 -6.17 3.02
CA ALA A 271 21.41 -5.09 2.31
C ALA A 271 21.46 -5.42 0.83
N TYR A 272 21.29 -4.40 0.00
CA TYR A 272 21.59 -4.55 -1.42
C TYR A 272 23.08 -4.82 -1.59
N PRO A 273 23.48 -5.83 -2.36
CA PRO A 273 24.90 -6.09 -2.53
C PRO A 273 25.58 -4.98 -3.34
N GLY A 274 26.84 -4.72 -3.01
CA GLY A 274 27.63 -3.73 -3.70
C GLY A 274 27.60 -2.33 -3.11
N GLY A 275 26.95 -2.15 -1.96
CA GLY A 275 26.85 -0.84 -1.36
C GLY A 275 27.96 -0.57 -0.38
N ASN A 276 28.95 0.20 -0.80
CA ASN A 276 30.10 0.50 0.06
C ASN A 276 29.74 1.36 1.27
N ALA A 277 28.48 1.66 1.54
CA ALA A 277 28.10 2.48 2.69
C ALA A 277 27.87 1.59 3.90
N ILE A 278 28.61 1.86 4.98
CA ILE A 278 28.60 1.00 6.15
C ILE A 278 27.27 1.15 6.88
N ASP A 279 26.61 0.03 7.13
CA ASP A 279 25.38 -0.02 7.92
C ASP A 279 25.69 -0.78 9.21
N ASP A 280 25.90 -0.04 10.30
CA ASP A 280 26.22 -0.67 11.57
C ASP A 280 25.06 -1.45 12.17
N ASP A 281 23.85 -1.29 11.65
CA ASP A 281 22.71 -2.04 12.17
C ASP A 281 22.53 -3.38 11.48
N LEU A 282 23.31 -3.67 10.45
CA LEU A 282 23.15 -4.91 9.71
C LEU A 282 23.39 -6.13 10.61
N ALA A 283 24.23 -5.96 11.64
CA ALA A 283 24.51 -7.03 12.58
C ALA A 283 23.29 -7.44 13.38
N VAL A 284 22.21 -6.66 13.39
CA VAL A 284 20.95 -7.10 13.96
C VAL A 284 19.79 -7.10 12.99
N THR A 285 19.86 -6.42 11.85
CA THR A 285 18.71 -6.37 10.95
C THR A 285 18.74 -7.42 9.85
N GLN A 286 19.92 -7.95 9.50
CA GLN A 286 20.01 -8.83 8.35
C GLN A 286 19.10 -10.04 8.54
N GLY A 287 18.13 -10.21 7.64
CA GLY A 287 17.18 -11.30 7.70
C GLY A 287 16.21 -11.27 8.85
N ALA A 288 16.14 -10.16 9.59
CA ALA A 288 15.40 -10.09 10.86
C ALA A 288 13.93 -9.70 10.69
N TYR A 289 13.51 -9.28 9.50
CA TYR A 289 12.12 -8.90 9.31
C TYR A 289 11.80 -8.94 7.82
N ARG A 290 10.50 -9.01 7.51
CA ARG A 290 10.07 -8.97 6.11
C ARG A 290 9.95 -7.53 5.64
N VAL A 291 10.53 -7.25 4.46
CA VAL A 291 10.44 -5.90 3.92
C VAL A 291 8.99 -5.55 3.62
N ALA A 292 8.61 -4.32 4.00
CA ALA A 292 7.32 -3.74 3.63
C ALA A 292 7.55 -2.47 2.83
N ARG A 293 6.66 -2.22 1.87
CA ARG A 293 6.84 -1.13 0.91
C ARG A 293 5.58 -0.28 0.82
N GLY A 294 5.74 0.97 0.33
CA GLY A 294 4.63 1.78 -0.15
C GLY A 294 4.04 2.80 0.82
N GLY A 295 4.20 2.63 2.12
CA GLY A 295 3.63 3.61 3.04
C GLY A 295 2.11 3.54 3.20
N SER A 296 1.59 4.41 4.06
CA SER A 296 0.28 4.16 4.64
C SER A 296 -0.40 5.45 5.08
N PHE A 297 -1.67 5.31 5.49
CA PHE A 297 -2.46 6.45 5.90
C PHE A 297 -1.94 7.13 7.16
N THR A 298 -1.09 6.45 7.94
CA THR A 298 -0.54 7.01 9.17
C THR A 298 0.82 7.67 9.00
N ARG A 299 1.49 7.47 7.87
CA ARG A 299 2.87 7.90 7.73
C ARG A 299 3.00 8.94 6.62
N PHE A 300 4.18 9.55 6.53
CA PHE A 300 4.40 10.64 5.59
C PHE A 300 4.84 10.11 4.22
N GLY A 301 4.93 11.03 3.26
CA GLY A 301 5.16 10.67 1.87
C GLY A 301 6.54 10.10 1.57
N ASP A 302 7.49 10.17 2.50
CA ASP A 302 8.76 9.48 2.26
C ASP A 302 8.53 8.00 2.02
N LEU A 303 7.49 7.43 2.65
CA LEU A 303 7.24 6.00 2.49
C LEU A 303 6.55 5.69 1.18
N ALA A 304 5.95 6.69 0.52
CA ALA A 304 5.35 6.47 -0.78
C ALA A 304 6.37 6.52 -1.90
N ARG A 305 7.62 6.84 -1.60
CA ARG A 305 8.70 6.70 -2.58
C ARG A 305 8.84 5.24 -3.00
N CYS A 306 8.95 5.00 -4.32
CA CYS A 306 9.01 3.64 -4.83
C CYS A 306 10.19 2.87 -4.29
N ALA A 307 11.28 3.55 -3.96
CA ALA A 307 12.50 2.89 -3.51
C ALA A 307 12.59 2.74 -2.00
N ARG A 308 11.72 3.39 -1.23
CA ARG A 308 11.84 3.38 0.23
C ARG A 308 11.59 1.99 0.81
N ARG A 309 12.49 1.52 1.67
CA ARG A 309 12.42 0.19 2.27
C ARG A 309 12.10 0.32 3.76
N HIS A 310 11.09 -0.42 4.21
N HIS A 310 11.09 -0.40 4.23
CA HIS A 310 10.53 -0.25 5.56
CA HIS A 310 10.73 -0.31 5.63
C HIS A 310 10.31 -1.65 6.15
C HIS A 310 10.18 -1.65 6.09
N GLY A 311 9.68 -1.70 7.32
CA GLY A 311 9.22 -2.94 7.93
C GLY A 311 9.95 -3.37 9.19
N ARG A 312 10.92 -2.60 9.69
CA ARG A 312 11.80 -3.10 10.75
C ARG A 312 11.07 -3.32 12.06
N TYR A 313 10.14 -2.42 12.42
CA TYR A 313 9.51 -2.44 13.73
C TYR A 313 8.02 -2.70 13.62
N GLN A 314 7.49 -3.41 14.62
CA GLN A 314 6.04 -3.58 14.78
C GLN A 314 5.54 -2.47 15.69
N ARG A 315 4.62 -1.65 15.18
N ARG A 315 4.72 -1.55 15.17
CA ARG A 315 4.03 -0.58 15.97
CA ARG A 315 4.07 -0.51 15.98
C ARG A 315 2.59 -0.41 15.55
C ARG A 315 2.62 -0.37 15.54
N ASP A 316 1.77 0.13 16.46
CA ASP A 316 0.37 0.35 16.14
C ASP A 316 0.22 1.22 14.90
N ILE A 317 1.06 2.24 14.74
CA ILE A 317 0.92 3.15 13.60
C ILE A 317 1.48 2.59 12.30
N TYR A 318 2.09 1.40 12.30
CA TYR A 318 2.57 0.79 11.06
C TYR A 318 1.53 -0.21 10.59
N ALA A 319 0.76 0.16 9.56
CA ALA A 319 -0.38 -0.63 9.10
C ALA A 319 0.11 -1.53 7.97
N MET A 320 0.21 -2.83 8.25
N MET A 320 0.23 -2.82 8.23
CA MET A 320 0.84 -3.80 7.36
CA MET A 320 0.89 -3.74 7.31
C MET A 320 -0.25 -4.60 6.64
C MET A 320 -0.16 -4.63 6.63
N GLY A 321 -0.36 -4.40 5.33
CA GLY A 321 -1.22 -5.22 4.51
C GLY A 321 -0.40 -5.88 3.40
N PHE A 322 -1.02 -6.23 2.28
CA PHE A 322 -0.29 -6.93 1.24
C PHE A 322 -1.14 -6.98 -0.02
N ARG A 323 -0.50 -7.33 -1.14
CA ARG A 323 -1.18 -7.58 -2.40
C ARG A 323 -0.44 -8.71 -3.10
N LEU A 324 -1.13 -9.42 -3.97
CA LEU A 324 -0.53 -10.62 -4.57
C LEU A 324 0.06 -10.34 -5.94
N ALA A 325 1.10 -11.10 -6.27
CA ALA A 325 1.64 -11.24 -7.62
C ALA A 325 1.26 -12.60 -8.17
N GLU A 326 1.47 -12.78 -9.47
CA GLU A 326 1.18 -14.04 -10.14
C GLU A 326 2.26 -14.31 -11.18
N THR A 327 2.83 -15.51 -11.14
CA THR A 327 3.75 -15.92 -12.19
C THR A 327 3.00 -16.14 -13.49
N LEU A 328 3.45 -15.51 -14.57
CA LEU A 328 2.81 -15.72 -15.87
C LEU A 328 3.65 -16.64 -16.75
#